data_2PSW
#
_entry.id   2PSW
#
_cell.length_a   47.643
_cell.length_b   102.913
_cell.length_c   67.157
_cell.angle_alpha   90.00
_cell.angle_beta   105.81
_cell.angle_gamma   90.00
#
_symmetry.space_group_name_H-M   'P 1 21 1'
#
loop_
_entity.id
_entity.type
_entity.pdbx_description
1 polymer 'N-acetyltransferase 13'
2 non-polymer 'COENZYME A'
3 water water
#
_entity_poly.entity_id   1
_entity_poly.type   'polypeptide(L)'
_entity_poly.pdbx_seq_one_letter_code
;GSKGSRIELGDVTPHNIKQLKRLNQVIFPVSYNDKFYKDVLEVGELAKLAYFNDIAVGAVCCRVDHSQNQKRLYI(MSE)
TLGCLAPYRRLGIGTK(MSE)LNHVLNICEKDGTFDNIYLHVQISNESAIDFYRKFGFEIIETKKNYYKRIEPADAHVLQ
KNLKVPSGQNADVQKTDN
;
_entity_poly.pdbx_strand_id   A,B,C
#
# COMPACT_ATOMS: atom_id res chain seq x y z
N SER A 2 2.93 -12.56 -2.62
CA SER A 2 2.00 -11.84 -1.68
C SER A 2 2.66 -11.52 -0.36
N LYS A 3 3.62 -12.34 0.03
CA LYS A 3 4.22 -12.17 1.36
C LYS A 3 5.24 -11.03 1.36
N GLY A 4 5.08 -10.15 2.34
CA GLY A 4 5.85 -8.92 2.47
C GLY A 4 5.31 -7.78 1.60
N SER A 5 4.24 -8.08 0.86
CA SER A 5 3.64 -7.15 -0.10
C SER A 5 3.20 -5.88 0.58
N ARG A 6 3.41 -4.75 -0.10
N ARG A 6 3.41 -4.77 -0.11
CA ARG A 6 2.99 -3.45 0.41
CA ARG A 6 3.03 -3.43 0.35
C ARG A 6 1.60 -3.11 -0.12
C ARG A 6 1.59 -3.14 -0.08
N ILE A 7 1.05 -4.00 -0.94
CA ILE A 7 -0.26 -3.81 -1.53
C ILE A 7 -1.32 -4.72 -0.93
N GLU A 8 -2.47 -4.14 -0.66
CA GLU A 8 -3.61 -4.79 -0.02
C GLU A 8 -4.90 -4.21 -0.61
N LEU A 9 -5.87 -5.08 -0.87
CA LEU A 9 -7.17 -4.63 -1.34
C LEU A 9 -8.16 -4.60 -0.18
N GLY A 10 -9.10 -3.68 -0.22
CA GLY A 10 -10.08 -3.62 0.87
C GLY A 10 -11.48 -3.40 0.35
N ASP A 11 -12.46 -3.58 1.22
CA ASP A 11 -13.84 -3.40 0.85
C ASP A 11 -14.21 -1.94 0.71
N VAL A 12 -15.13 -1.69 -0.21
CA VAL A 12 -15.74 -0.38 -0.37
C VAL A 12 -16.99 -0.32 0.53
N THR A 13 -17.09 0.73 1.33
CA THR A 13 -18.16 0.85 2.29
C THR A 13 -18.69 2.28 2.25
N PRO A 14 -19.87 2.52 2.87
CA PRO A 14 -20.32 3.90 2.91
C PRO A 14 -19.31 4.79 3.65
N HIS A 15 -18.39 4.20 4.39
CA HIS A 15 -17.38 4.99 5.10
C HIS A 15 -16.26 5.50 4.21
N ASN A 16 -15.92 4.77 3.15
CA ASN A 16 -14.76 5.17 2.36
C ASN A 16 -15.12 5.42 0.91
N ILE A 17 -16.42 5.41 0.59
CA ILE A 17 -16.89 5.58 -0.80
C ILE A 17 -16.50 6.98 -1.32
N LYS A 18 -16.48 7.96 -0.42
CA LYS A 18 -16.06 9.31 -0.76
C LYS A 18 -14.64 9.26 -1.32
N GLN A 19 -13.84 8.37 -0.75
CA GLN A 19 -12.45 8.22 -1.13
C GLN A 19 -12.34 7.51 -2.49
N LEU A 20 -13.20 6.52 -2.73
CA LEU A 20 -13.32 5.90 -4.04
C LEU A 20 -13.63 6.91 -5.16
N LYS A 21 -14.66 7.74 -4.97
CA LYS A 21 -15.05 8.74 -5.96
C LYS A 21 -13.88 9.71 -6.27
N ARG A 22 -13.20 10.15 -5.21
CA ARG A 22 -12.03 11.01 -5.27
C ARG A 22 -10.92 10.39 -6.13
N LEU A 23 -10.67 9.11 -5.93
CA LEU A 23 -9.68 8.37 -6.69
C LEU A 23 -10.10 8.31 -8.15
N ASN A 24 -11.36 7.95 -8.38
CA ASN A 24 -11.88 7.85 -9.75
C ASN A 24 -11.84 9.17 -10.47
N GLN A 25 -12.12 10.27 -9.77
CA GLN A 25 -12.11 11.63 -10.37
C GLN A 25 -10.72 12.01 -10.89
N VAL A 26 -9.68 11.62 -10.15
CA VAL A 26 -8.30 11.89 -10.57
C VAL A 26 -7.82 10.94 -11.70
N ILE A 27 -8.12 9.66 -11.57
CA ILE A 27 -7.55 8.67 -12.45
C ILE A 27 -8.26 8.57 -13.82
N PHE A 28 -9.58 8.64 -13.80
CA PHE A 28 -10.40 8.38 -15.00
C PHE A 28 -10.95 9.65 -15.62
N PRO A 29 -10.88 9.73 -16.96
CA PRO A 29 -11.29 10.95 -17.66
C PRO A 29 -12.81 11.17 -17.74
N VAL A 30 -13.59 10.09 -17.61
CA VAL A 30 -15.07 10.16 -17.58
C VAL A 30 -15.60 10.24 -16.15
N SER A 31 -16.57 11.12 -15.93
CA SER A 31 -17.25 11.23 -14.63
C SER A 31 -18.35 10.19 -14.46
N TYR A 32 -18.44 9.65 -13.24
CA TYR A 32 -19.45 8.64 -12.90
C TYR A 32 -20.50 9.27 -11.98
N ASN A 33 -21.77 8.92 -12.21
CA ASN A 33 -22.89 9.56 -11.51
C ASN A 33 -23.17 8.83 -10.22
N ASP A 34 -24.11 9.36 -9.44
CA ASP A 34 -24.39 8.82 -8.10
C ASP A 34 -24.94 7.40 -8.12
N LYS A 35 -25.52 7.03 -9.26
CA LYS A 35 -25.97 5.69 -9.47
C LYS A 35 -24.78 4.72 -9.48
N PHE A 36 -23.71 5.08 -10.19
CA PHE A 36 -22.49 4.25 -10.24
C PHE A 36 -22.11 3.87 -8.83
N TYR A 37 -21.99 4.88 -7.96
CA TYR A 37 -21.47 4.74 -6.60
C TYR A 37 -22.41 3.98 -5.66
N LYS A 38 -23.71 4.19 -5.84
CA LYS A 38 -24.73 3.39 -5.16
C LYS A 38 -24.64 1.92 -5.57
N ASP A 39 -24.41 1.67 -6.85
CA ASP A 39 -24.31 0.29 -7.36
C ASP A 39 -23.05 -0.44 -6.88
N VAL A 40 -21.95 0.29 -6.77
CA VAL A 40 -20.70 -0.32 -6.34
C VAL A 40 -20.78 -0.82 -4.88
N LEU A 41 -21.64 -0.19 -4.08
CA LEU A 41 -21.80 -0.56 -2.68
C LEU A 41 -22.55 -1.87 -2.56
N GLU A 42 -23.09 -2.35 -3.69
CA GLU A 42 -23.95 -3.54 -3.72
C GLU A 42 -23.40 -4.74 -4.48
N VAL A 43 -22.26 -4.57 -5.16
CA VAL A 43 -21.65 -5.67 -5.91
C VAL A 43 -20.64 -6.47 -5.10
N GLY A 44 -20.49 -6.14 -3.82
CA GLY A 44 -19.58 -6.89 -2.94
C GLY A 44 -18.17 -6.95 -3.48
N GLU A 45 -17.59 -8.16 -3.56
CA GLU A 45 -16.18 -8.36 -3.96
C GLU A 45 -15.79 -7.78 -5.33
N LEU A 46 -16.77 -7.32 -6.09
CA LEU A 46 -16.54 -6.77 -7.42
C LEU A 46 -16.19 -5.29 -7.41
N ALA A 47 -16.11 -4.69 -6.22
CA ALA A 47 -15.56 -3.35 -6.06
C ALA A 47 -14.57 -3.38 -4.91
N LYS A 48 -13.37 -2.88 -5.13
CA LYS A 48 -12.33 -2.87 -4.12
C LYS A 48 -11.58 -1.58 -4.19
N LEU A 49 -11.10 -1.11 -3.04
CA LEU A 49 -10.06 -0.10 -2.93
C LEU A 49 -8.71 -0.79 -2.86
N ALA A 50 -7.70 -0.20 -3.49
CA ALA A 50 -6.34 -0.75 -3.41
C ALA A 50 -5.50 0.18 -2.58
N TYR A 51 -4.74 -0.45 -1.68
CA TYR A 51 -3.89 0.24 -0.75
C TYR A 51 -2.42 -0.11 -1.02
N PHE A 52 -1.57 0.92 -0.95
CA PHE A 52 -0.12 0.77 -0.96
C PHE A 52 0.43 1.41 0.33
N ASN A 53 1.11 0.60 1.16
CA ASN A 53 1.56 1.02 2.50
C ASN A 53 0.42 1.64 3.32
N ASP A 54 -0.75 1.02 3.19
CA ASP A 54 -1.97 1.43 3.89
C ASP A 54 -2.54 2.76 3.40
N ILE A 55 -2.07 3.25 2.24
CA ILE A 55 -2.65 4.43 1.55
C ILE A 55 -3.57 4.01 0.39
N ALA A 56 -4.80 4.53 0.40
CA ALA A 56 -5.77 4.27 -0.70
C ALA A 56 -5.22 4.95 -1.98
N VAL A 57 -4.80 4.18 -2.98
CA VAL A 57 -4.23 4.78 -4.18
C VAL A 57 -4.90 4.31 -5.46
N GLY A 58 -5.84 3.38 -5.35
CA GLY A 58 -6.49 2.84 -6.56
C GLY A 58 -7.80 2.21 -6.19
N ALA A 59 -8.49 1.70 -7.20
CA ALA A 59 -9.76 1.05 -7.00
C ALA A 59 -10.10 0.28 -8.25
N VAL A 60 -10.86 -0.79 -8.09
CA VAL A 60 -11.43 -1.49 -9.24
C VAL A 60 -12.95 -1.60 -9.03
N CYS A 61 -13.75 -1.31 -10.06
CA CYS A 61 -15.22 -1.47 -10.03
C CYS A 61 -15.73 -2.23 -11.26
N CYS A 62 -16.42 -3.33 -11.03
CA CYS A 62 -16.95 -4.20 -12.08
C CYS A 62 -18.46 -4.35 -11.97
N ARG A 63 -19.07 -5.03 -12.95
CA ARG A 63 -20.49 -5.31 -13.00
C ARG A 63 -20.66 -6.68 -13.70
N VAL A 64 -21.71 -7.41 -13.36
CA VAL A 64 -22.06 -8.62 -14.13
C VAL A 64 -22.97 -8.19 -15.28
N ASP A 65 -22.60 -8.63 -16.48
CA ASP A 65 -23.24 -8.23 -17.74
C ASP A 65 -23.83 -9.46 -18.44
N HIS A 66 -25.10 -9.42 -18.80
CA HIS A 66 -25.70 -10.45 -19.64
C HIS A 66 -26.07 -9.85 -20.98
N SER A 67 -25.14 -9.95 -21.91
CA SER A 67 -25.31 -9.44 -23.26
C SER A 67 -24.79 -10.51 -24.19
N GLN A 68 -25.22 -10.46 -25.47
CA GLN A 68 -24.78 -11.42 -26.48
C GLN A 68 -25.01 -12.85 -26.05
N ASN A 69 -26.00 -13.08 -25.19
CA ASN A 69 -26.29 -14.43 -24.69
C ASN A 69 -25.19 -15.10 -23.90
N GLN A 70 -24.35 -14.26 -23.30
CA GLN A 70 -23.27 -14.72 -22.47
C GLN A 70 -23.46 -14.14 -21.09
N LYS A 71 -22.78 -14.75 -20.12
CA LYS A 71 -22.56 -14.14 -18.81
C LYS A 71 -21.14 -13.55 -18.82
N ARG A 72 -21.08 -12.24 -18.67
CA ARG A 72 -19.83 -11.52 -18.81
C ARG A 72 -19.47 -10.72 -17.57
N LEU A 73 -18.17 -10.64 -17.25
CA LEU A 73 -17.71 -9.64 -16.27
C LEU A 73 -17.21 -8.38 -16.96
N TYR A 74 -17.84 -7.25 -16.65
CA TYR A 74 -17.45 -5.98 -17.21
C TYR A 74 -16.62 -5.11 -16.25
N ILE A 75 -15.39 -4.80 -16.64
CA ILE A 75 -14.57 -3.90 -15.81
C ILE A 75 -14.90 -2.48 -16.24
N THR A 77 -14.14 0.37 -14.15
CA THR A 77 -12.92 1.12 -13.85
C THR A 77 -11.93 0.25 -13.10
N LEU A 78 -10.67 0.35 -13.50
CA LEU A 78 -9.57 -0.30 -12.78
C LEU A 78 -8.34 0.56 -12.97
N GLY A 79 -7.76 1.07 -11.90
CA GLY A 79 -6.71 2.07 -12.08
C GLY A 79 -6.11 2.45 -10.77
N CYS A 80 -4.93 3.07 -10.80
CA CYS A 80 -4.34 3.73 -9.64
C CYS A 80 -3.64 5.04 -10.01
N LEU A 81 -3.38 5.83 -8.97
CA LEU A 81 -2.74 7.12 -9.04
C LEU A 81 -1.42 6.97 -9.77
N ALA A 82 -1.14 7.91 -10.66
CA ALA A 82 0.05 7.90 -11.52
C ALA A 82 1.40 7.65 -10.84
N PRO A 83 1.72 8.35 -9.71
CA PRO A 83 3.02 8.06 -9.09
C PRO A 83 3.17 6.62 -8.54
N TYR A 84 2.10 5.87 -8.41
CA TYR A 84 2.18 4.50 -7.87
C TYR A 84 2.09 3.39 -8.95
N ARG A 85 2.19 3.78 -10.22
CA ARG A 85 2.01 2.82 -11.28
C ARG A 85 3.31 2.00 -11.44
N ARG A 86 3.18 0.81 -12.04
CA ARG A 86 4.31 -0.11 -12.30
C ARG A 86 4.84 -0.64 -11.01
N LEU A 87 3.94 -0.83 -10.04
CA LEU A 87 4.33 -1.37 -8.75
C LEU A 87 3.55 -2.66 -8.44
N GLY A 88 2.76 -3.10 -9.39
CA GLY A 88 1.99 -4.31 -9.22
C GLY A 88 0.58 -4.05 -8.70
N ILE A 89 0.16 -2.80 -8.61
CA ILE A 89 -1.14 -2.59 -8.00
C ILE A 89 -2.20 -3.00 -8.99
N GLY A 90 -2.01 -2.76 -10.28
CA GLY A 90 -3.01 -3.13 -11.27
C GLY A 90 -3.21 -4.62 -11.28
N THR A 91 -2.08 -5.34 -11.28
CA THR A 91 -2.07 -6.80 -11.29
C THR A 91 -2.85 -7.37 -10.10
N LYS A 92 -2.59 -6.88 -8.92
CA LYS A 92 -3.35 -7.26 -7.74
C LYS A 92 -4.86 -7.08 -7.93
N LEU A 94 -6.49 -6.84 -10.92
CA LEU A 94 -7.00 -7.69 -12.00
C LEU A 94 -7.01 -9.17 -11.59
N ASN A 95 -6.01 -9.59 -10.86
CA ASN A 95 -6.01 -10.94 -10.32
C ASN A 95 -7.17 -11.14 -9.35
N HIS A 96 -7.49 -10.13 -8.53
CA HIS A 96 -8.70 -10.23 -7.70
C HIS A 96 -9.93 -10.55 -8.56
N VAL A 97 -10.13 -9.87 -9.66
CA VAL A 97 -11.35 -10.13 -10.45
C VAL A 97 -11.28 -11.46 -11.24
N LEU A 98 -10.15 -11.74 -11.87
CA LEU A 98 -9.96 -13.03 -12.50
C LEU A 98 -10.17 -14.20 -11.53
N ASN A 99 -9.83 -14.02 -10.26
CA ASN A 99 -9.99 -15.09 -9.28
C ASN A 99 -11.47 -15.32 -8.96
N ILE A 100 -12.23 -14.23 -8.81
CA ILE A 100 -13.68 -14.37 -8.64
C ILE A 100 -14.37 -15.16 -9.76
N CYS A 101 -14.04 -14.82 -11.01
CA CYS A 101 -14.60 -15.49 -12.18
C CYS A 101 -14.25 -16.96 -12.21
N GLU A 102 -13.07 -17.29 -11.69
CA GLU A 102 -12.57 -18.65 -11.74
C GLU A 102 -13.27 -19.50 -10.69
N LYS A 103 -13.47 -18.93 -9.51
CA LYS A 103 -14.23 -19.60 -8.44
C LYS A 103 -15.71 -19.75 -8.80
N ASP A 104 -16.27 -18.76 -9.47
CA ASP A 104 -17.67 -18.80 -9.88
C ASP A 104 -17.91 -19.83 -11.00
N GLY A 105 -17.07 -19.78 -12.03
CA GLY A 105 -17.04 -20.82 -13.05
C GLY A 105 -18.07 -20.69 -14.16
N THR A 106 -18.97 -19.72 -14.04
CA THR A 106 -20.06 -19.62 -15.00
C THR A 106 -19.90 -18.46 -15.98
N PHE A 107 -18.84 -17.67 -15.82
CA PHE A 107 -18.57 -16.52 -16.70
C PHE A 107 -18.00 -16.94 -18.07
N ASP A 108 -18.55 -16.35 -19.13
CA ASP A 108 -18.06 -16.64 -20.48
C ASP A 108 -16.80 -15.86 -20.84
N ASN A 109 -16.76 -14.61 -20.40
CA ASN A 109 -15.63 -13.75 -20.66
C ASN A 109 -15.60 -12.54 -19.71
N ILE A 110 -14.54 -11.78 -19.83
CA ILE A 110 -14.40 -10.51 -19.15
C ILE A 110 -13.92 -9.53 -20.18
N TYR A 111 -14.46 -8.32 -20.13
CA TYR A 111 -14.14 -7.32 -21.13
C TYR A 111 -14.23 -5.92 -20.52
N LEU A 112 -13.76 -4.93 -21.28
CA LEU A 112 -13.74 -3.52 -20.88
C LEU A 112 -13.50 -2.65 -22.11
N HIS A 113 -13.64 -1.33 -21.94
CA HIS A 113 -13.35 -0.36 -23.00
C HIS A 113 -12.12 0.47 -22.63
N VAL A 114 -11.23 0.61 -23.61
CA VAL A 114 -10.02 1.39 -23.48
C VAL A 114 -9.96 2.41 -24.62
N GLN A 115 -9.86 3.68 -24.27
CA GLN A 115 -9.59 4.74 -25.25
C GLN A 115 -8.43 4.31 -26.15
N ILE A 116 -8.54 4.47 -27.46
CA ILE A 116 -7.45 3.96 -28.34
C ILE A 116 -6.04 4.50 -27.99
N SER A 117 -5.98 5.60 -27.25
CA SER A 117 -4.69 6.25 -26.98
C SER A 117 -3.98 5.67 -25.76
N ASN A 118 -4.71 4.87 -24.99
CA ASN A 118 -4.23 4.30 -23.74
C ASN A 118 -3.31 3.12 -23.98
N GLU A 119 -2.11 3.44 -24.47
CA GLU A 119 -1.12 2.45 -24.80
C GLU A 119 -0.77 1.56 -23.60
N SER A 120 -0.58 2.18 -22.45
CA SER A 120 -0.18 1.49 -21.26
C SER A 120 -1.26 0.51 -20.77
N ALA A 121 -2.53 0.92 -20.86
CA ALA A 121 -3.64 0.04 -20.54
C ALA A 121 -3.71 -1.17 -21.49
N ILE A 122 -3.55 -0.95 -22.79
CA ILE A 122 -3.50 -2.06 -23.77
C ILE A 122 -2.38 -3.06 -23.46
N ASP A 123 -1.17 -2.54 -23.26
CA ASP A 123 -0.02 -3.33 -22.80
C ASP A 123 -0.34 -4.17 -21.55
N PHE A 124 -0.89 -3.50 -20.52
CA PHE A 124 -1.30 -4.16 -19.27
C PHE A 124 -2.28 -5.32 -19.51
N TYR A 125 -3.40 -5.03 -20.18
CA TYR A 125 -4.40 -6.07 -20.34
C TYR A 125 -3.97 -7.18 -21.27
N ARG A 126 -3.17 -6.85 -22.28
CA ARG A 126 -2.72 -7.93 -23.20
C ARG A 126 -1.78 -8.94 -22.54
N LYS A 127 -1.00 -8.44 -21.58
CA LYS A 127 -0.15 -9.27 -20.75
C LYS A 127 -0.95 -10.37 -20.06
N PHE A 128 -2.19 -10.08 -19.70
CA PHE A 128 -3.05 -11.07 -19.05
C PHE A 128 -3.90 -11.88 -20.01
N GLY A 129 -3.66 -11.76 -21.32
CA GLY A 129 -4.48 -12.50 -22.27
C GLY A 129 -5.75 -11.85 -22.75
N PHE A 130 -5.93 -10.54 -22.48
CA PHE A 130 -7.01 -9.76 -23.12
C PHE A 130 -6.61 -9.51 -24.56
N GLU A 131 -7.58 -9.41 -25.47
CA GLU A 131 -7.31 -9.19 -26.89
C GLU A 131 -8.18 -8.03 -27.32
N ILE A 132 -7.69 -7.16 -28.20
CA ILE A 132 -8.58 -6.23 -28.88
C ILE A 132 -9.53 -6.99 -29.81
N ILE A 133 -10.83 -6.95 -29.51
CA ILE A 133 -11.80 -7.70 -30.32
C ILE A 133 -12.65 -6.76 -31.18
N GLU A 134 -12.44 -5.46 -31.03
CA GLU A 134 -13.25 -4.47 -31.69
C GLU A 134 -12.70 -3.10 -31.36
N THR A 135 -12.85 -2.17 -32.30
CA THR A 135 -12.62 -0.75 -32.06
C THR A 135 -13.96 -0.10 -32.38
N LYS A 136 -14.57 0.49 -31.36
CA LYS A 136 -15.86 1.13 -31.53
C LYS A 136 -15.57 2.59 -31.81
N LYS A 137 -16.03 3.07 -32.96
CA LYS A 137 -15.86 4.48 -33.30
C LYS A 137 -16.84 5.35 -32.49
N ASN A 138 -16.31 6.45 -31.96
CA ASN A 138 -17.12 7.45 -31.27
C ASN A 138 -17.85 6.93 -30.03
N TYR A 139 -17.23 5.97 -29.35
CA TYR A 139 -17.72 5.45 -28.07
C TYR A 139 -17.83 6.53 -26.99
N TYR A 140 -16.80 7.37 -26.84
CA TYR A 140 -16.80 8.41 -25.81
C TYR A 140 -17.37 9.73 -26.34
N LYS A 141 -18.31 10.31 -25.59
CA LYS A 141 -18.95 11.57 -26.00
C LYS A 141 -18.04 12.80 -25.89
N ARG A 142 -17.40 12.99 -24.72
CA ARG A 142 -16.75 14.27 -24.40
C ARG A 142 -15.22 14.38 -24.54
N ILE A 143 -14.51 13.26 -24.65
CA ILE A 143 -13.04 13.26 -24.63
C ILE A 143 -12.43 12.92 -26.00
N GLU A 144 -11.19 13.36 -26.22
CA GLU A 144 -10.47 13.06 -27.45
C GLU A 144 -9.33 12.10 -27.09
N PRO A 145 -9.08 11.07 -27.92
CA PRO A 145 -9.92 10.60 -29.03
C PRO A 145 -11.21 9.88 -28.56
N ALA A 146 -12.22 9.88 -29.41
CA ALA A 146 -13.54 9.38 -29.04
C ALA A 146 -13.64 7.85 -29.16
N ASP A 147 -12.71 7.27 -29.91
CA ASP A 147 -12.76 5.83 -30.18
C ASP A 147 -12.17 5.01 -29.05
N ALA A 148 -12.69 3.80 -28.90
CA ALA A 148 -12.32 2.91 -27.83
C ALA A 148 -12.09 1.51 -28.36
N HIS A 149 -11.11 0.82 -27.82
CA HIS A 149 -10.91 -0.59 -28.12
C HIS A 149 -11.76 -1.32 -27.11
N VAL A 150 -12.39 -2.39 -27.54
CA VAL A 150 -12.99 -3.33 -26.63
C VAL A 150 -11.95 -4.44 -26.43
N LEU A 151 -11.49 -4.58 -25.19
CA LEU A 151 -10.57 -5.67 -24.83
C LEU A 151 -11.31 -6.76 -24.12
N GLN A 152 -11.05 -7.99 -24.50
CA GLN A 152 -11.76 -9.13 -23.93
C GLN A 152 -10.83 -10.28 -23.65
N LYS A 153 -11.07 -10.94 -22.53
CA LYS A 153 -10.44 -12.21 -22.19
C LYS A 153 -11.51 -13.28 -22.11
N ASN A 154 -11.38 -14.31 -22.95
CA ASN A 154 -12.21 -15.51 -22.92
C ASN A 154 -11.95 -16.43 -21.75
N LEU A 155 -13.02 -16.79 -21.05
CA LEU A 155 -12.91 -17.70 -19.94
C LEU A 155 -13.48 -19.09 -20.23
N LYS A 156 -14.49 -19.17 -21.09
CA LYS A 156 -15.19 -20.45 -21.35
C LYS A 156 -14.30 -21.44 -22.11
N SER B 5 20.72 28.10 -23.66
CA SER B 5 20.73 28.22 -22.15
C SER B 5 21.57 27.15 -21.43
N ARG B 6 22.16 27.54 -20.29
CA ARG B 6 23.16 26.71 -19.59
C ARG B 6 22.82 26.42 -18.13
N ILE B 7 22.81 25.12 -17.79
CA ILE B 7 22.61 24.68 -16.41
C ILE B 7 23.95 24.23 -15.85
N GLU B 8 24.34 24.83 -14.73
CA GLU B 8 25.59 24.51 -14.05
C GLU B 8 25.40 24.43 -12.53
N LEU B 9 26.27 23.67 -11.88
CA LEU B 9 26.32 23.58 -10.42
C LEU B 9 27.52 24.34 -9.91
N GLY B 10 27.40 24.89 -8.71
CA GLY B 10 28.47 25.70 -8.14
C GLY B 10 28.61 25.47 -6.65
N ASP B 11 29.85 25.54 -6.16
CA ASP B 11 30.19 25.38 -4.75
C ASP B 11 29.33 26.27 -3.86
N VAL B 12 28.99 25.76 -2.69
CA VAL B 12 28.36 26.59 -1.69
C VAL B 12 29.48 27.28 -0.92
N THR B 13 29.49 28.62 -0.90
CA THR B 13 30.55 29.37 -0.23
C THR B 13 29.99 30.25 0.91
N PRO B 14 30.87 30.97 1.67
CA PRO B 14 30.30 31.92 2.65
C PRO B 14 29.70 33.16 1.96
N HIS B 15 30.13 33.41 0.73
CA HIS B 15 29.61 34.49 -0.11
C HIS B 15 28.14 34.25 -0.50
N ASN B 16 27.75 33.00 -0.67
CA ASN B 16 26.43 32.68 -1.25
C ASN B 16 25.54 31.79 -0.39
N ILE B 17 25.95 31.57 0.86
CA ILE B 17 25.16 30.83 1.84
C ILE B 17 23.79 31.49 2.10
N LYS B 18 23.73 32.82 2.09
CA LYS B 18 22.49 33.54 2.39
C LYS B 18 21.48 33.31 1.30
N GLN B 19 21.99 33.11 0.09
CA GLN B 19 21.19 32.89 -1.10
C GLN B 19 20.71 31.46 -1.16
N LEU B 20 21.58 30.53 -0.79
CA LEU B 20 21.20 29.12 -0.63
C LEU B 20 20.04 29.00 0.34
N LYS B 21 20.19 29.62 1.50
CA LYS B 21 19.15 29.69 2.51
C LYS B 21 17.87 30.25 1.90
N ARG B 22 17.99 31.37 1.19
CA ARG B 22 16.87 32.04 0.57
C ARG B 22 16.08 31.11 -0.37
N LEU B 23 16.81 30.34 -1.17
CA LEU B 23 16.21 29.42 -2.14
C LEU B 23 15.48 28.28 -1.41
N ASN B 24 16.06 27.78 -0.32
CA ASN B 24 15.44 26.71 0.47
C ASN B 24 14.15 27.16 1.16
N GLN B 25 14.10 28.43 1.57
CA GLN B 25 12.88 28.99 2.14
C GLN B 25 11.73 29.03 1.14
N VAL B 26 12.05 29.22 -0.12
CA VAL B 26 11.04 29.32 -1.14
C VAL B 26 10.63 27.91 -1.59
N ILE B 27 11.60 27.03 -1.73
CA ILE B 27 11.37 25.72 -2.34
C ILE B 27 10.80 24.68 -1.38
N PHE B 28 11.26 24.67 -0.14
CA PHE B 28 10.93 23.59 0.78
C PHE B 28 9.94 23.96 1.88
N PRO B 29 9.04 23.00 2.23
CA PRO B 29 8.01 23.34 3.23
C PRO B 29 8.59 23.52 4.64
N VAL B 30 9.67 22.81 4.94
CA VAL B 30 10.31 22.88 6.27
C VAL B 30 11.47 23.86 6.28
N SER B 31 11.57 24.62 7.37
CA SER B 31 12.67 25.56 7.53
C SER B 31 13.83 24.85 8.20
N TYR B 32 15.05 25.17 7.77
CA TYR B 32 16.25 24.57 8.34
C TYR B 32 16.96 25.57 9.22
N ASN B 33 17.59 25.08 10.27
CA ASN B 33 18.25 25.93 11.25
C ASN B 33 19.66 26.32 10.84
N ASP B 34 20.35 27.00 11.75
CA ASP B 34 21.68 27.52 11.49
C ASP B 34 22.75 26.42 11.40
N LYS B 35 22.64 25.40 12.26
CA LYS B 35 23.51 24.22 12.23
C LYS B 35 23.50 23.53 10.87
N PHE B 36 22.31 23.30 10.32
CA PHE B 36 22.17 22.76 8.96
C PHE B 36 23.05 23.50 7.98
N TYR B 37 22.94 24.83 7.98
CA TYR B 37 23.66 25.69 7.03
C TYR B 37 25.17 25.79 7.29
N LYS B 38 25.56 25.83 8.57
CA LYS B 38 26.98 25.75 8.90
C LYS B 38 27.58 24.45 8.37
N ASP B 39 26.87 23.33 8.58
CA ASP B 39 27.29 22.02 8.12
C ASP B 39 27.47 21.89 6.60
N VAL B 40 26.69 22.62 5.81
CA VAL B 40 26.82 22.51 4.34
C VAL B 40 28.10 23.16 3.77
N LEU B 41 28.78 23.96 4.59
CA LEU B 41 30.01 24.59 4.15
C LEU B 41 31.19 23.64 4.31
N GLU B 42 31.06 22.71 5.25
CA GLU B 42 32.12 21.75 5.57
C GLU B 42 31.87 20.36 4.99
N VAL B 43 30.91 20.25 4.06
CA VAL B 43 30.67 18.99 3.34
C VAL B 43 31.15 19.01 1.88
N GLY B 44 31.82 20.09 1.50
CA GLY B 44 32.42 20.18 0.18
C GLY B 44 31.42 19.99 -0.94
N GLU B 45 31.65 18.99 -1.80
CA GLU B 45 30.79 18.78 -2.98
C GLU B 45 29.47 18.05 -2.71
N LEU B 46 29.16 17.81 -1.44
CA LEU B 46 27.86 17.24 -1.06
C LEU B 46 26.76 18.31 -0.95
N ALA B 47 27.13 19.55 -1.22
CA ALA B 47 26.18 20.64 -1.32
C ALA B 47 26.66 21.50 -2.48
N LYS B 48 25.72 21.90 -3.33
CA LYS B 48 26.00 22.63 -4.56
C LYS B 48 24.79 23.48 -4.84
N LEU B 49 25.04 24.65 -5.38
CA LEU B 49 23.99 25.48 -5.92
C LEU B 49 23.78 25.15 -7.37
N ALA B 50 22.54 25.28 -7.85
CA ALA B 50 22.19 25.09 -9.24
C ALA B 50 22.00 26.43 -9.93
N TYR B 51 22.68 26.60 -11.07
CA TYR B 51 22.60 27.85 -11.82
C TYR B 51 21.92 27.70 -13.18
N PHE B 52 21.05 28.63 -13.54
CA PHE B 52 20.46 28.65 -14.87
C PHE B 52 20.88 29.97 -15.48
N ASN B 53 21.68 29.92 -16.55
CA ASN B 53 22.33 31.14 -17.13
C ASN B 53 22.84 32.05 -16.02
N ASP B 54 23.55 31.47 -15.07
CA ASP B 54 24.21 32.22 -13.99
C ASP B 54 23.27 32.76 -12.92
N ILE B 55 21.98 32.42 -12.98
CA ILE B 55 21.07 32.73 -11.87
C ILE B 55 20.97 31.48 -10.99
N ALA B 56 21.22 31.66 -9.69
CA ALA B 56 21.03 30.59 -8.68
C ALA B 56 19.55 30.32 -8.62
N VAL B 57 19.15 29.10 -8.95
CA VAL B 57 17.73 28.76 -9.04
C VAL B 57 17.40 27.51 -8.24
N GLY B 58 18.41 26.89 -7.64
CA GLY B 58 18.17 25.65 -6.93
C GLY B 58 19.37 25.28 -6.10
N ALA B 59 19.26 24.16 -5.40
CA ALA B 59 20.34 23.66 -4.60
C ALA B 59 20.09 22.25 -4.16
N VAL B 60 21.18 21.50 -4.00
CA VAL B 60 21.15 20.14 -3.43
C VAL B 60 22.07 20.09 -2.18
N CYS B 61 21.57 19.52 -1.09
CA CYS B 61 22.36 19.43 0.14
C CYS B 61 22.27 18.00 0.68
N CYS B 62 23.43 17.36 0.81
CA CYS B 62 23.53 15.96 1.23
C CYS B 62 24.37 15.75 2.50
N ARG B 63 24.17 14.57 3.09
CA ARG B 63 24.79 14.19 4.36
C ARG B 63 25.20 12.74 4.25
N VAL B 64 26.35 12.40 4.82
CA VAL B 64 26.82 11.01 4.89
C VAL B 64 26.21 10.38 6.13
N ASP B 65 25.45 9.31 5.93
CA ASP B 65 24.71 8.68 7.00
C ASP B 65 25.24 7.29 7.30
N HIS B 66 25.57 7.08 8.57
CA HIS B 66 25.97 5.76 9.05
C HIS B 66 24.84 5.19 9.91
N SER B 67 23.83 4.65 9.25
CA SER B 67 22.69 4.06 9.94
C SER B 67 22.46 2.64 9.44
N GLN B 68 21.78 1.85 10.28
CA GLN B 68 21.45 0.45 9.99
C GLN B 68 22.64 -0.40 9.49
N ASN B 69 23.81 -0.20 10.12
CA ASN B 69 25.08 -0.82 9.75
C ASN B 69 25.42 -0.72 8.25
N GLN B 70 25.05 0.42 7.65
CA GLN B 70 25.31 0.73 6.24
C GLN B 70 26.01 2.07 6.08
N LYS B 71 26.61 2.29 4.91
CA LYS B 71 27.07 3.63 4.51
C LYS B 71 26.12 4.25 3.46
N ARG B 72 25.37 5.27 3.89
CA ARG B 72 24.30 5.82 3.09
C ARG B 72 24.54 7.28 2.77
N LEU B 73 24.14 7.69 1.57
CA LEU B 73 24.07 9.11 1.30
C LEU B 73 22.63 9.56 1.49
N TYR B 74 22.45 10.51 2.38
CA TYR B 74 21.14 11.06 2.64
C TYR B 74 21.00 12.38 1.84
N ILE B 75 19.96 12.49 1.03
CA ILE B 75 19.67 13.74 0.34
C ILE B 75 18.71 14.48 1.25
N THR B 77 17.97 17.93 0.98
CA THR B 77 17.17 18.77 0.09
C THR B 77 17.73 18.74 -1.32
N LEU B 78 16.83 18.76 -2.29
CA LEU B 78 17.21 18.92 -3.69
C LEU B 78 16.01 19.54 -4.39
N GLY B 79 16.19 20.68 -5.03
CA GLY B 79 15.06 21.34 -5.67
C GLY B 79 15.46 22.57 -6.39
N CYS B 80 14.53 23.11 -7.16
CA CYS B 80 14.70 24.42 -7.79
C CYS B 80 13.36 25.16 -7.84
N LEU B 81 13.45 26.44 -8.13
CA LEU B 81 12.32 27.31 -8.20
C LEU B 81 11.36 26.77 -9.25
N ALA B 82 10.04 26.93 -8.98
CA ALA B 82 8.97 26.37 -9.82
C ALA B 82 9.04 26.72 -11.28
N PRO B 83 9.27 28.02 -11.64
CA PRO B 83 9.28 28.34 -13.07
C PRO B 83 10.39 27.69 -13.94
N TYR B 84 11.41 27.10 -13.32
CA TYR B 84 12.54 26.45 -14.02
C TYR B 84 12.46 24.92 -14.01
N ARG B 85 11.38 24.36 -13.48
CA ARG B 85 11.20 22.92 -13.47
C ARG B 85 10.96 22.32 -14.85
N ARG B 86 11.20 21.02 -14.95
CA ARG B 86 11.13 20.30 -16.22
C ARG B 86 12.10 20.90 -17.26
N LEU B 87 13.28 21.31 -16.79
CA LEU B 87 14.31 21.79 -17.72
C LEU B 87 15.57 20.98 -17.53
N GLY B 88 15.49 19.92 -16.73
CA GLY B 88 16.65 19.04 -16.45
C GLY B 88 17.55 19.54 -15.30
N ILE B 89 17.10 20.52 -14.50
CA ILE B 89 17.94 20.99 -13.41
C ILE B 89 18.02 19.96 -12.28
N GLY B 90 16.89 19.34 -11.97
CA GLY B 90 16.85 18.28 -10.96
C GLY B 90 17.83 17.20 -11.35
N THR B 91 17.76 16.78 -12.60
CA THR B 91 18.64 15.76 -13.17
C THR B 91 20.12 16.13 -13.03
N LYS B 92 20.46 17.40 -13.27
CA LYS B 92 21.85 17.82 -13.16
C LYS B 92 22.32 17.56 -11.73
N LEU B 94 20.84 15.62 -9.33
CA LEU B 94 20.82 14.20 -8.93
C LEU B 94 22.03 13.47 -9.51
N ASN B 95 22.40 13.71 -10.77
CA ASN B 95 23.53 13.00 -11.36
C ASN B 95 24.84 13.36 -10.68
N HIS B 96 24.90 14.57 -10.14
CA HIS B 96 26.06 14.99 -9.39
C HIS B 96 26.21 14.11 -8.15
N VAL B 97 25.20 14.10 -7.29
CA VAL B 97 25.12 13.16 -6.16
C VAL B 97 25.47 11.75 -6.57
N LEU B 98 24.80 11.24 -7.60
CA LEU B 98 25.07 9.87 -8.06
C LEU B 98 26.54 9.64 -8.43
N ASN B 99 27.13 10.62 -9.12
CA ASN B 99 28.55 10.58 -9.52
C ASN B 99 29.49 10.53 -8.32
N ILE B 100 29.23 11.40 -7.35
CA ILE B 100 29.90 11.40 -6.04
C ILE B 100 30.00 10.01 -5.37
N CYS B 101 28.95 9.19 -5.51
CA CYS B 101 28.87 7.88 -4.86
C CYS B 101 29.56 6.84 -5.73
N GLU B 102 29.44 6.99 -7.04
CA GLU B 102 30.05 6.08 -8.01
C GLU B 102 31.57 6.21 -8.00
N LYS B 103 32.05 7.46 -7.99
CA LYS B 103 33.48 7.78 -7.90
C LYS B 103 34.05 7.50 -6.50
N ASP B 104 33.17 7.37 -5.51
CA ASP B 104 33.57 7.03 -4.16
C ASP B 104 33.66 5.51 -4.07
N GLY B 105 32.52 4.84 -4.14
CA GLY B 105 32.46 3.39 -4.13
C GLY B 105 32.12 2.74 -2.80
N THR B 106 32.24 3.49 -1.70
CA THR B 106 31.95 2.96 -0.36
C THR B 106 30.46 2.91 -0.02
N PHE B 107 29.64 3.69 -0.72
CA PHE B 107 28.22 3.83 -0.39
C PHE B 107 27.39 2.60 -0.76
N ASP B 108 26.53 2.18 0.16
CA ASP B 108 25.60 1.08 -0.05
C ASP B 108 24.32 1.54 -0.76
N ASN B 109 23.88 2.77 -0.46
CA ASN B 109 22.63 3.30 -1.00
C ASN B 109 22.46 4.80 -0.76
N ILE B 110 21.56 5.41 -1.54
CA ILE B 110 21.16 6.81 -1.41
C ILE B 110 19.69 6.85 -1.02
N TYR B 111 19.33 7.70 -0.07
CA TYR B 111 17.94 7.77 0.36
C TYR B 111 17.55 9.16 0.81
N LEU B 112 16.26 9.34 1.04
CA LEU B 112 15.67 10.65 1.36
C LEU B 112 14.22 10.43 1.77
N HIS B 113 13.63 11.44 2.39
CA HIS B 113 12.20 11.45 2.74
C HIS B 113 11.44 12.40 1.85
N VAL B 114 10.30 11.93 1.32
CA VAL B 114 9.41 12.79 0.55
C VAL B 114 8.07 12.83 1.30
N GLN B 115 7.39 13.97 1.30
CA GLN B 115 6.03 14.09 1.85
C GLN B 115 5.14 13.24 0.93
N ILE B 116 4.22 12.43 1.47
CA ILE B 116 3.50 11.46 0.60
C ILE B 116 2.70 12.09 -0.56
N SER B 117 2.34 13.38 -0.42
CA SER B 117 1.59 14.15 -1.41
C SER B 117 2.46 14.72 -2.56
N ASN B 118 3.76 14.46 -2.52
CA ASN B 118 4.68 15.02 -3.50
C ASN B 118 4.72 14.11 -4.72
N GLU B 119 3.68 14.15 -5.55
CA GLU B 119 3.60 13.34 -6.80
C GLU B 119 4.84 13.60 -7.65
N SER B 120 5.17 14.88 -7.79
CA SER B 120 6.27 15.36 -8.64
C SER B 120 7.61 14.69 -8.28
N ALA B 121 7.96 14.76 -6.99
CA ALA B 121 9.22 14.18 -6.50
C ALA B 121 9.20 12.66 -6.57
N ILE B 122 8.06 12.04 -6.31
CA ILE B 122 7.98 10.58 -6.47
C ILE B 122 8.26 10.18 -7.92
N ASP B 123 7.56 10.81 -8.84
CA ASP B 123 7.81 10.60 -10.28
C ASP B 123 9.31 10.84 -10.70
N PHE B 124 9.90 11.89 -10.17
CA PHE B 124 11.28 12.26 -10.47
C PHE B 124 12.25 11.19 -9.97
N TYR B 125 12.21 10.92 -8.66
CA TYR B 125 13.11 9.91 -8.09
C TYR B 125 12.87 8.53 -8.67
N ARG B 126 11.63 8.14 -8.85
CA ARG B 126 11.36 6.80 -9.40
C ARG B 126 11.96 6.61 -10.80
N LYS B 127 12.08 7.69 -11.57
CA LYS B 127 12.69 7.65 -12.88
C LYS B 127 14.17 7.26 -12.78
N PHE B 128 14.83 7.67 -11.68
CA PHE B 128 16.24 7.36 -11.43
C PHE B 128 16.49 6.05 -10.72
N GLY B 129 15.48 5.22 -10.57
CA GLY B 129 15.67 3.88 -9.97
C GLY B 129 15.49 3.89 -8.46
N PHE B 130 15.07 5.03 -7.89
CA PHE B 130 14.68 5.10 -6.47
C PHE B 130 13.37 4.35 -6.22
N GLU B 131 13.29 3.66 -5.08
CA GLU B 131 12.07 2.92 -4.72
C GLU B 131 11.49 3.42 -3.42
N ILE B 132 10.16 3.45 -3.31
CA ILE B 132 9.53 3.68 -2.01
C ILE B 132 9.72 2.39 -1.17
N ILE B 133 10.47 2.47 -0.07
CA ILE B 133 10.82 1.28 0.72
C ILE B 133 10.14 1.28 2.09
N GLU B 134 9.50 2.40 2.44
CA GLU B 134 8.61 2.44 3.60
C GLU B 134 7.85 3.75 3.65
N THR B 135 6.78 3.78 4.41
CA THR B 135 6.03 5.01 4.61
C THR B 135 6.02 5.30 6.10
N LYS B 136 6.79 6.30 6.50
CA LYS B 136 6.95 6.63 7.91
C LYS B 136 5.76 7.52 8.36
N LYS B 137 5.04 7.11 9.40
CA LYS B 137 3.92 7.94 9.86
C LYS B 137 4.38 9.13 10.73
N ASN B 138 3.71 10.27 10.54
CA ASN B 138 3.99 11.48 11.31
C ASN B 138 5.45 11.95 11.26
N TYR B 139 6.06 11.89 10.08
CA TYR B 139 7.46 12.27 9.90
C TYR B 139 7.68 13.78 9.99
N TYR B 140 6.79 14.55 9.36
CA TYR B 140 6.86 16.01 9.47
C TYR B 140 6.01 16.49 10.63
N LYS B 141 6.62 17.33 11.46
CA LYS B 141 6.03 17.71 12.73
C LYS B 141 5.08 18.89 12.64
N ARG B 142 5.27 19.75 11.64
CA ARG B 142 4.45 20.97 11.51
C ARG B 142 3.46 20.95 10.33
N ILE B 143 3.90 20.41 9.20
CA ILE B 143 3.13 20.41 7.94
C ILE B 143 2.16 19.22 7.78
N GLU B 144 1.33 19.27 6.74
CA GLU B 144 0.35 18.23 6.41
C GLU B 144 0.36 17.90 4.89
N PRO B 145 0.29 16.61 4.51
CA PRO B 145 0.28 15.44 5.38
C PRO B 145 1.60 15.28 6.13
N ALA B 146 1.54 14.63 7.28
CA ALA B 146 2.69 14.43 8.15
C ALA B 146 3.54 13.24 7.69
N ASP B 147 2.90 12.34 6.94
CA ASP B 147 3.54 11.09 6.55
C ASP B 147 4.58 11.30 5.44
N ALA B 148 5.60 10.42 5.41
CA ALA B 148 6.69 10.55 4.45
C ALA B 148 7.07 9.22 3.86
N HIS B 149 7.12 9.14 2.53
CA HIS B 149 7.71 7.99 1.92
C HIS B 149 9.21 8.09 2.12
N VAL B 150 9.84 6.95 2.33
CA VAL B 150 11.28 6.84 2.26
C VAL B 150 11.61 6.26 0.90
N LEU B 151 12.37 7.03 0.13
CA LEU B 151 12.81 6.62 -1.19
C LEU B 151 14.27 6.23 -1.12
N GLN B 152 14.62 5.08 -1.70
CA GLN B 152 15.99 4.65 -1.67
C GLN B 152 16.42 4.04 -3.00
N LYS B 153 17.64 4.37 -3.42
CA LYS B 153 18.27 3.69 -4.53
C LYS B 153 19.39 2.84 -3.94
N ASN B 154 19.39 1.55 -4.22
CA ASN B 154 20.48 0.67 -3.77
C ASN B 154 21.70 0.80 -4.68
N LEU B 155 22.90 0.76 -4.13
CA LEU B 155 24.12 0.96 -4.94
C LEU B 155 25.00 -0.30 -5.08
N LYS B 156 25.36 -0.91 -3.95
CA LYS B 156 26.11 -2.18 -3.96
C LYS B 156 25.17 -3.38 -3.96
N SER C 5 14.39 -10.76 12.87
CA SER C 5 14.98 -9.80 11.90
C SER C 5 14.11 -9.48 10.66
N ARG C 6 13.25 -10.39 10.23
CA ARG C 6 12.37 -10.10 9.09
C ARG C 6 11.00 -10.77 9.18
N ILE C 7 10.06 -10.02 9.75
CA ILE C 7 8.71 -10.49 10.01
C ILE C 7 7.75 -9.99 8.95
N GLU C 8 7.11 -10.94 8.27
CA GLU C 8 6.23 -10.69 7.14
C GLU C 8 4.92 -11.45 7.29
N LEU C 9 3.85 -10.87 6.75
CA LEU C 9 2.61 -11.58 6.53
C LEU C 9 2.47 -11.93 5.05
N GLY C 10 1.79 -13.03 4.76
CA GLY C 10 1.42 -13.37 3.40
C GLY C 10 0.06 -14.06 3.33
N ASP C 11 -0.44 -14.26 2.11
CA ASP C 11 -1.78 -14.79 1.89
C ASP C 11 -1.91 -16.25 2.22
N VAL C 12 -3.13 -16.66 2.58
CA VAL C 12 -3.46 -18.07 2.69
C VAL C 12 -4.09 -18.54 1.34
N THR C 13 -3.47 -19.53 0.72
CA THR C 13 -3.90 -20.00 -0.59
C THR C 13 -4.16 -21.48 -0.51
N PRO C 14 -4.87 -22.07 -1.49
CA PRO C 14 -4.93 -23.54 -1.49
C PRO C 14 -3.55 -24.22 -1.49
N HIS C 15 -2.53 -23.52 -1.97
CA HIS C 15 -1.17 -24.01 -1.96
C HIS C 15 -0.67 -24.25 -0.51
N ASN C 16 -0.91 -23.30 0.38
CA ASN C 16 -0.35 -23.40 1.74
C ASN C 16 -1.34 -23.69 2.87
N ILE C 17 -2.62 -23.89 2.53
CA ILE C 17 -3.70 -24.27 3.48
C ILE C 17 -3.34 -25.45 4.41
N LYS C 18 -2.67 -26.47 3.86
CA LYS C 18 -2.17 -27.57 4.67
C LYS C 18 -1.14 -27.11 5.72
N GLN C 19 -0.27 -26.19 5.34
CA GLN C 19 0.72 -25.63 6.28
C GLN C 19 0.08 -24.79 7.41
N LEU C 20 -0.93 -23.97 7.07
CA LEU C 20 -1.74 -23.29 8.08
C LEU C 20 -2.40 -24.29 9.04
N LYS C 21 -3.15 -25.24 8.52
CA LYS C 21 -3.72 -26.27 9.40
C LYS C 21 -2.66 -26.82 10.34
N ARG C 22 -1.49 -27.18 9.81
CA ARG C 22 -0.45 -27.74 10.66
C ARG C 22 -0.08 -26.80 11.82
N LEU C 23 0.10 -25.51 11.52
CA LEU C 23 0.46 -24.51 12.53
C LEU C 23 -0.62 -24.45 13.59
N ASN C 24 -1.87 -24.43 13.15
CA ASN C 24 -2.99 -24.28 14.05
C ASN C 24 -3.08 -25.44 15.03
N GLN C 25 -2.72 -26.63 14.57
CA GLN C 25 -2.81 -27.81 15.40
C GLN C 25 -1.75 -27.77 16.49
N VAL C 26 -0.57 -27.24 16.15
CA VAL C 26 0.50 -27.08 17.13
C VAL C 26 0.18 -25.93 18.10
N ILE C 27 -0.39 -24.85 17.58
CA ILE C 27 -0.55 -23.63 18.39
C ILE C 27 -1.81 -23.66 19.27
N PHE C 28 -2.93 -24.08 18.70
CA PHE C 28 -4.21 -23.92 19.37
C PHE C 28 -4.73 -25.22 19.94
N PRO C 29 -5.32 -25.19 21.16
CA PRO C 29 -5.78 -26.44 21.82
C PRO C 29 -7.01 -27.10 21.18
N VAL C 30 -7.76 -26.34 20.39
CA VAL C 30 -8.91 -26.91 19.70
C VAL C 30 -8.61 -27.15 18.22
N SER C 31 -9.00 -28.32 17.72
CA SER C 31 -8.88 -28.65 16.31
C SER C 31 -10.11 -28.13 15.56
N TYR C 32 -9.89 -27.41 14.47
CA TYR C 32 -10.99 -26.86 13.69
C TYR C 32 -11.38 -27.80 12.57
N ASN C 33 -12.65 -27.74 12.19
CA ASN C 33 -13.21 -28.62 11.14
C ASN C 33 -12.86 -28.13 9.73
N ASP C 34 -13.09 -28.99 8.74
CA ASP C 34 -12.79 -28.67 7.34
C ASP C 34 -13.50 -27.40 6.85
N LYS C 35 -14.64 -27.06 7.45
CA LYS C 35 -15.37 -25.88 7.01
C LYS C 35 -14.59 -24.60 7.37
N PHE C 36 -14.07 -24.55 8.59
CA PHE C 36 -13.13 -23.47 9.01
C PHE C 36 -12.11 -23.23 7.91
N TYR C 37 -11.41 -24.30 7.54
CA TYR C 37 -10.34 -24.22 6.54
C TYR C 37 -10.86 -23.86 5.16
N LYS C 38 -12.01 -24.45 4.79
CA LYS C 38 -12.74 -24.01 3.61
C LYS C 38 -12.96 -22.49 3.62
N ASP C 39 -13.58 -21.98 4.68
CA ASP C 39 -14.01 -20.59 4.70
C ASP C 39 -12.84 -19.58 4.82
N VAL C 40 -11.72 -19.97 5.43
CA VAL C 40 -10.55 -19.05 5.47
C VAL C 40 -10.02 -18.70 4.08
N LEU C 41 -10.25 -19.59 3.10
CA LEU C 41 -9.72 -19.39 1.75
C LEU C 41 -10.56 -18.35 1.02
N GLU C 42 -11.73 -18.08 1.56
CA GLU C 42 -12.67 -17.19 0.92
C GLU C 42 -12.76 -15.87 1.65
N VAL C 43 -12.07 -15.76 2.79
CA VAL C 43 -12.22 -14.59 3.63
C VAL C 43 -11.21 -13.44 3.36
N GLY C 44 -10.32 -13.67 2.39
CA GLY C 44 -9.40 -12.64 1.90
C GLY C 44 -8.32 -12.26 2.92
N GLU C 45 -8.06 -10.97 3.03
CA GLU C 45 -7.08 -10.42 3.96
C GLU C 45 -7.34 -10.69 5.46
N LEU C 46 -8.51 -11.23 5.78
CA LEU C 46 -8.84 -11.62 7.15
C LEU C 46 -8.15 -12.92 7.62
N ALA C 47 -7.45 -13.60 6.71
CA ALA C 47 -6.56 -14.67 7.10
C ALA C 47 -5.19 -14.44 6.51
N LYS C 48 -4.17 -14.62 7.33
CA LYS C 48 -2.79 -14.45 6.87
C LYS C 48 -1.89 -15.42 7.59
N LEU C 49 -0.82 -15.86 6.90
CA LEU C 49 0.32 -16.53 7.51
C LEU C 49 1.37 -15.51 7.91
N ALA C 50 2.07 -15.77 9.02
CA ALA C 50 3.15 -14.88 9.44
C ALA C 50 4.49 -15.58 9.24
N TYR C 51 5.47 -14.83 8.74
CA TYR C 51 6.81 -15.36 8.50
C TYR C 51 7.87 -14.65 9.33
N PHE C 52 8.82 -15.45 9.81
CA PHE C 52 10.04 -14.99 10.43
C PHE C 52 11.17 -15.47 9.53
N ASN C 53 11.90 -14.54 8.92
CA ASN C 53 12.88 -14.88 7.87
C ASN C 53 12.41 -16.03 6.98
N ASP C 54 11.27 -15.82 6.32
CA ASP C 54 10.67 -16.75 5.37
C ASP C 54 10.15 -18.08 5.93
N ILE C 55 10.28 -18.29 7.24
CA ILE C 55 9.73 -19.51 7.89
C ILE C 55 8.31 -19.20 8.33
N ALA C 56 7.34 -20.03 7.93
CA ALA C 56 5.97 -19.81 8.36
C ALA C 56 5.89 -20.25 9.81
N VAL C 57 5.59 -19.30 10.70
CA VAL C 57 5.65 -19.59 12.14
C VAL C 57 4.38 -19.22 12.88
N GLY C 58 3.36 -18.77 12.16
CA GLY C 58 2.16 -18.25 12.83
C GLY C 58 1.05 -17.98 11.84
N ALA C 59 -0.15 -17.70 12.34
CA ALA C 59 -1.22 -17.31 11.46
C ALA C 59 -2.36 -16.63 12.20
N VAL C 60 -3.08 -15.74 11.52
CA VAL C 60 -4.29 -15.12 12.07
C VAL C 60 -5.43 -15.47 11.10
N CYS C 61 -6.57 -15.93 11.63
CA CYS C 61 -7.79 -16.11 10.84
C CYS C 61 -8.99 -15.43 11.52
N CYS C 62 -9.69 -14.58 10.76
CA CYS C 62 -10.86 -13.89 11.26
C CYS C 62 -12.08 -14.16 10.40
N ARG C 63 -13.25 -13.81 10.92
CA ARG C 63 -14.48 -13.80 10.13
C ARG C 63 -15.35 -12.69 10.64
N VAL C 64 -16.26 -12.25 9.78
CA VAL C 64 -17.16 -11.15 10.10
C VAL C 64 -18.38 -11.76 10.76
N ASP C 65 -18.71 -11.24 11.93
CA ASP C 65 -19.82 -11.79 12.67
C ASP C 65 -20.89 -10.71 12.85
N HIS C 66 -22.09 -11.02 12.37
CA HIS C 66 -23.31 -10.22 12.63
C HIS C 66 -24.07 -10.84 13.78
N SER C 67 -23.87 -10.31 14.99
CA SER C 67 -24.56 -10.84 16.15
C SER C 67 -24.93 -9.68 17.05
N GLN C 68 -25.80 -9.95 18.03
CA GLN C 68 -26.31 -8.93 18.96
C GLN C 68 -26.52 -7.54 18.33
N ASN C 69 -27.02 -7.55 17.08
CA ASN C 69 -27.44 -6.34 16.36
C ASN C 69 -26.23 -5.47 16.02
N GLN C 70 -25.09 -6.14 15.79
CA GLN C 70 -23.83 -5.46 15.53
C GLN C 70 -23.09 -6.13 14.38
N LYS C 71 -22.17 -5.38 13.79
CA LYS C 71 -21.19 -5.92 12.88
C LYS C 71 -19.87 -5.98 13.63
N ARG C 72 -19.38 -7.21 13.81
CA ARG C 72 -18.27 -7.51 14.69
C ARG C 72 -17.20 -8.25 13.89
N LEU C 73 -15.94 -8.03 14.26
CA LEU C 73 -14.87 -8.79 13.66
C LEU C 73 -14.52 -9.79 14.72
N TYR C 74 -14.72 -11.07 14.42
CA TYR C 74 -14.36 -12.13 15.35
C TYR C 74 -12.98 -12.70 14.98
N ILE C 75 -12.05 -12.67 15.94
CA ILE C 75 -10.73 -13.30 15.74
C ILE C 75 -10.86 -14.75 16.19
N THR C 77 -8.63 -17.35 15.42
CA THR C 77 -7.28 -17.73 15.86
C THR C 77 -6.24 -16.66 15.51
N LEU C 78 -5.28 -16.45 16.41
CA LEU C 78 -4.16 -15.57 16.15
C LEU C 78 -3.05 -16.06 17.06
N GLY C 79 -1.94 -16.54 16.48
CA GLY C 79 -0.84 -16.96 17.30
C GLY C 79 0.35 -17.40 16.52
N CYS C 80 1.44 -17.70 17.22
CA CYS C 80 2.66 -18.20 16.56
C CYS C 80 3.33 -19.27 17.42
N LEU C 81 4.23 -20.03 16.79
CA LEU C 81 5.01 -21.01 17.50
C LEU C 81 5.71 -20.44 18.71
N ALA C 82 5.59 -21.13 19.84
CA ALA C 82 6.27 -20.72 21.10
C ALA C 82 7.69 -20.09 20.97
N PRO C 83 8.62 -20.72 20.23
CA PRO C 83 9.97 -20.16 20.05
C PRO C 83 10.07 -18.75 19.42
N TYR C 84 8.98 -18.23 18.86
CA TYR C 84 9.01 -17.01 18.03
C TYR C 84 8.20 -15.91 18.67
N ARG C 85 7.79 -16.17 19.90
CA ARG C 85 6.90 -15.30 20.61
C ARG C 85 7.69 -14.14 21.23
N ARG C 86 7.00 -13.07 21.60
CA ARG C 86 7.68 -11.90 22.11
C ARG C 86 8.63 -11.28 21.08
N LEU C 87 8.31 -11.44 19.79
CA LEU C 87 9.13 -10.80 18.74
C LEU C 87 8.35 -9.76 17.94
N GLY C 88 7.12 -9.47 18.35
CA GLY C 88 6.28 -8.47 17.66
C GLY C 88 5.46 -9.14 16.55
N ILE C 89 5.39 -10.46 16.55
CA ILE C 89 4.63 -11.14 15.48
C ILE C 89 3.14 -11.06 15.72
N GLY C 90 2.71 -11.26 16.96
CA GLY C 90 1.27 -11.12 17.25
C GLY C 90 0.88 -9.67 16.99
N THR C 91 1.72 -8.71 17.35
CA THR C 91 1.41 -7.26 17.08
C THR C 91 1.19 -7.00 15.60
N LYS C 92 2.08 -7.54 14.79
CA LYS C 92 2.00 -7.34 13.37
C LYS C 92 0.70 -7.91 12.82
N LEU C 94 -2.13 -8.50 14.55
CA LEU C 94 -3.28 -7.79 15.13
C LEU C 94 -3.48 -6.41 14.53
N ASN C 95 -2.40 -5.66 14.33
CA ASN C 95 -2.51 -4.38 13.61
C ASN C 95 -3.01 -4.55 12.19
N HIS C 96 -2.59 -5.61 11.49
CA HIS C 96 -3.17 -5.90 10.17
C HIS C 96 -4.69 -5.94 10.21
N VAL C 97 -5.24 -6.61 11.20
CA VAL C 97 -6.67 -6.75 11.32
C VAL C 97 -7.32 -5.44 11.73
N LEU C 98 -6.71 -4.75 12.69
CA LEU C 98 -7.18 -3.46 13.13
C LEU C 98 -7.14 -2.44 12.00
N ASN C 99 -6.10 -2.45 11.17
N ASN C 99 -6.08 -2.49 11.18
CA ASN C 99 -6.10 -1.55 10.01
CA ASN C 99 -5.94 -1.64 9.99
C ASN C 99 -7.24 -1.88 9.05
C ASN C 99 -7.04 -1.92 8.94
N ILE C 100 -7.48 -3.16 8.84
CA ILE C 100 -8.58 -3.55 7.94
C ILE C 100 -9.86 -2.94 8.47
N CYS C 101 -10.16 -3.13 9.76
CA CYS C 101 -11.39 -2.52 10.32
C CYS C 101 -11.43 -1.01 10.23
N GLU C 102 -10.30 -0.36 10.46
CA GLU C 102 -10.29 1.12 10.46
C GLU C 102 -10.55 1.69 9.06
N LYS C 103 -9.94 1.07 8.04
CA LYS C 103 -10.15 1.49 6.66
C LYS C 103 -11.60 1.23 6.23
N ASP C 104 -12.17 0.14 6.74
CA ASP C 104 -13.52 -0.29 6.37
C ASP C 104 -14.52 0.63 7.10
N GLY C 105 -14.40 0.73 8.42
CA GLY C 105 -15.09 1.72 9.23
C GLY C 105 -16.52 1.40 9.62
N THR C 106 -16.97 0.18 9.34
CA THR C 106 -18.34 -0.23 9.63
C THR C 106 -18.46 -1.25 10.77
N PHE C 107 -17.35 -1.50 11.45
CA PHE C 107 -17.35 -2.40 12.58
C PHE C 107 -17.71 -1.75 13.90
N ASP C 108 -18.42 -2.49 14.73
CA ASP C 108 -18.81 -1.97 16.03
C ASP C 108 -17.71 -2.24 17.02
N ASN C 109 -17.13 -3.41 16.89
CA ASN C 109 -16.12 -3.84 17.83
C ASN C 109 -15.42 -5.07 17.25
N ILE C 110 -14.37 -5.51 17.93
CA ILE C 110 -13.61 -6.69 17.55
C ILE C 110 -13.44 -7.58 18.78
N TYR C 111 -13.58 -8.91 18.63
CA TYR C 111 -13.54 -9.76 19.82
C TYR C 111 -12.96 -11.15 19.57
N LEU C 112 -12.74 -11.92 20.63
CA LEU C 112 -12.32 -13.30 20.54
C LEU C 112 -12.58 -13.98 21.87
N HIS C 113 -12.32 -15.27 21.94
CA HIS C 113 -12.43 -16.00 23.18
C HIS C 113 -11.05 -16.45 23.60
N VAL C 114 -10.75 -16.29 24.89
CA VAL C 114 -9.50 -16.76 25.48
C VAL C 114 -9.80 -17.68 26.69
N GLN C 115 -9.33 -18.93 26.62
CA GLN C 115 -9.27 -19.81 27.79
C GLN C 115 -8.77 -19.02 28.99
N ILE C 116 -9.47 -19.13 30.12
CA ILE C 116 -9.15 -18.33 31.32
C ILE C 116 -7.74 -18.54 31.86
N SER C 117 -7.12 -19.67 31.50
CA SER C 117 -5.77 -19.99 31.93
C SER C 117 -4.67 -19.34 31.06
N ASN C 118 -5.08 -18.66 29.99
CA ASN C 118 -4.15 -18.07 29.01
C ASN C 118 -3.70 -16.68 29.41
N GLU C 119 -2.77 -16.61 30.36
CA GLU C 119 -2.34 -15.37 30.96
C GLU C 119 -1.70 -14.45 29.92
N SER C 120 -0.90 -15.02 29.02
CA SER C 120 -0.14 -14.24 28.07
C SER C 120 -1.01 -13.64 26.99
N ALA C 121 -2.06 -14.37 26.56
CA ALA C 121 -3.07 -13.81 25.65
C ALA C 121 -3.85 -12.70 26.33
N ILE C 122 -4.26 -12.92 27.57
CA ILE C 122 -4.93 -11.82 28.30
C ILE C 122 -4.01 -10.59 28.32
N ASP C 123 -2.75 -10.78 28.68
CA ASP C 123 -1.76 -9.70 28.76
C ASP C 123 -1.60 -8.97 27.41
N PHE C 124 -1.48 -9.75 26.34
CA PHE C 124 -1.32 -9.24 24.97
C PHE C 124 -2.51 -8.39 24.53
N TYR C 125 -3.70 -8.93 24.69
CA TYR C 125 -4.88 -8.23 24.23
C TYR C 125 -5.22 -7.00 25.10
N ARG C 126 -5.06 -7.11 26.43
CA ARG C 126 -5.22 -5.93 27.33
C ARG C 126 -4.28 -4.84 26.92
N LYS C 127 -3.12 -5.22 26.37
CA LYS C 127 -2.12 -4.27 25.96
C LYS C 127 -2.66 -3.43 24.82
N PHE C 128 -3.52 -4.04 23.99
CA PHE C 128 -4.12 -3.38 22.83
C PHE C 128 -5.47 -2.75 23.10
N GLY C 129 -5.84 -2.63 24.36
CA GLY C 129 -7.11 -1.99 24.70
C GLY C 129 -8.31 -2.93 24.60
N PHE C 130 -8.08 -4.24 24.57
CA PHE C 130 -9.18 -5.20 24.66
C PHE C 130 -9.53 -5.31 26.13
N GLU C 131 -10.81 -5.49 26.45
CA GLU C 131 -11.17 -5.76 27.83
C GLU C 131 -11.98 -7.04 27.94
N ILE C 132 -11.80 -7.78 29.04
CA ILE C 132 -12.67 -8.91 29.36
C ILE C 132 -14.05 -8.37 29.73
N ILE C 133 -15.00 -8.66 28.85
CA ILE C 133 -16.37 -8.18 28.99
C ILE C 133 -17.32 -9.25 29.51
N GLU C 134 -16.87 -10.49 29.48
CA GLU C 134 -17.73 -11.61 29.84
C GLU C 134 -16.88 -12.86 30.00
N THR C 135 -17.30 -13.78 30.87
CA THR C 135 -16.63 -15.07 30.96
C THR C 135 -17.67 -16.14 30.72
N LYS C 136 -17.47 -16.99 29.71
CA LYS C 136 -18.45 -18.02 29.33
C LYS C 136 -18.08 -19.37 29.94
N LYS C 137 -18.96 -19.89 30.80
CA LYS C 137 -18.75 -21.15 31.50
C LYS C 137 -18.88 -22.32 30.53
N ASN C 138 -17.92 -23.23 30.59
CA ASN C 138 -17.91 -24.42 29.73
C ASN C 138 -17.98 -24.14 28.22
N TYR C 139 -17.23 -23.13 27.78
CA TYR C 139 -17.15 -22.76 26.38
C TYR C 139 -16.44 -23.87 25.62
N TYR C 140 -15.37 -24.41 26.20
CA TYR C 140 -14.58 -25.50 25.60
C TYR C 140 -15.09 -26.90 25.97
N LYS C 141 -14.97 -27.82 25.03
CA LYS C 141 -15.57 -29.16 25.13
C LYS C 141 -14.67 -30.23 25.75
N ARG C 142 -13.48 -30.41 25.17
CA ARG C 142 -12.55 -31.49 25.56
C ARG C 142 -11.47 -31.06 26.52
N ILE C 143 -11.09 -29.78 26.44
CA ILE C 143 -9.91 -29.26 27.14
C ILE C 143 -10.22 -28.64 28.51
N GLU C 144 -9.17 -28.47 29.32
CA GLU C 144 -9.27 -27.93 30.68
C GLU C 144 -8.27 -26.80 30.87
N PRO C 145 -8.71 -25.66 31.46
CA PRO C 145 -10.09 -25.37 31.87
C PRO C 145 -11.04 -25.06 30.70
N ALA C 146 -12.33 -25.35 30.89
CA ALA C 146 -13.36 -25.23 29.84
C ALA C 146 -13.90 -23.81 29.62
N ASP C 147 -13.66 -22.92 30.56
CA ASP C 147 -14.22 -21.60 30.51
C ASP C 147 -13.33 -20.69 29.68
N ALA C 148 -13.93 -19.66 29.10
CA ALA C 148 -13.23 -18.69 28.27
C ALA C 148 -13.68 -17.28 28.54
N HIS C 149 -12.75 -16.35 28.46
CA HIS C 149 -13.09 -14.92 28.57
C HIS C 149 -13.43 -14.44 27.19
N VAL C 150 -14.37 -13.50 27.14
CA VAL C 150 -14.59 -12.81 25.90
C VAL C 150 -13.80 -11.51 26.00
N LEU C 151 -12.83 -11.37 25.09
CA LEU C 151 -12.03 -10.14 25.02
C LEU C 151 -12.56 -9.31 23.90
N GLN C 152 -12.83 -8.03 24.16
CA GLN C 152 -13.42 -7.16 23.15
C GLN C 152 -12.80 -5.78 23.19
N LYS C 153 -12.51 -5.24 22.01
CA LYS C 153 -12.13 -3.81 21.83
C LYS C 153 -13.23 -3.08 21.07
N ASN C 154 -13.74 -2.00 21.64
CA ASN C 154 -14.75 -1.22 20.96
C ASN C 154 -14.12 -0.41 19.87
N LEU C 155 -14.68 -0.50 18.66
CA LEU C 155 -14.22 0.27 17.52
C LEU C 155 -15.15 1.43 17.26
N LYS C 156 -16.37 1.32 17.81
CA LYS C 156 -17.41 2.38 17.81
C LYS C 156 -18.02 2.62 16.43
#